data_1BDA
#
_entry.id   1BDA
#
_cell.length_a   43.990
_cell.length_b   80.780
_cell.length_c   159.160
_cell.angle_alpha   90.00
_cell.angle_beta   90.00
_cell.angle_gamma   90.00
#
_symmetry.space_group_name_H-M   'P 21 21 21'
#
loop_
_entity.id
_entity.type
_entity.pdbx_description
1 polymer 'SINGLE CHAIN TISSUE TYPE PLASMINOGEN ACTIVATOR'
2 non-polymer 'N-{[5-(dimethylamino)naphthalen-2-yl]sulfonyl}-L-alpha-glutamyl-N-[(1S)-4-{[amino(iminio)methyl]amino}-1-(chloroacetyl) butyl]glycinamide'
3 water water
#
_entity_poly.entity_id   1
_entity_poly.type   'polypeptide(L)'
_entity_poly.pdbx_seq_one_letter_code
;TCGLRQYSQPQFRIKGGLFADIASHPWQAAIFAKHRRSPGERFLCGGILISSCWILSAAHCFQERFPPHHLTVILGRTYR
VVPGEEEQKFEVEKYIVHKEFDDDTYDNDIALLQLKSDSSRCAQESSVVRTVCLPPADLQLPDWTECELSGYGKHEALSP
FYSERLKEAHVRLYPSSRCTSQHLLNRTVTDNMLCAGDTRSGGPQANLHDACQGDSGGPLVCLNDGRMTLVGIISWGLGC
GQKDVPGVYTKVTNYLDWIRDNMRP
;
_entity_poly.pdbx_strand_id   A,B
#
# COMPACT_ATOMS: atom_id res chain seq x y z
N THR A 1 -20.12 0.02 -24.96
CA THR A 1 -21.24 -0.51 -24.14
C THR A 1 -20.79 -1.39 -22.96
N CYS A 2 -21.19 -2.66 -22.93
CA CYS A 2 -20.84 -3.53 -21.81
C CYS A 2 -20.03 -4.79 -22.17
N GLY A 3 -19.38 -5.33 -21.15
CA GLY A 3 -18.57 -6.54 -21.28
C GLY A 3 -17.39 -6.44 -22.22
N LEU A 4 -17.00 -5.20 -22.51
CA LEU A 4 -15.89 -4.94 -23.41
C LEU A 4 -14.73 -4.42 -22.59
N ARG A 5 -13.50 -4.71 -23.01
CA ARG A 5 -12.34 -4.28 -22.27
C ARG A 5 -11.04 -4.50 -23.04
N GLN A 6 -10.08 -3.61 -22.82
CA GLN A 6 -8.77 -3.73 -23.46
C GLN A 6 -7.91 -4.48 -22.47
N TYR A 7 -8.12 -5.79 -22.35
CA TYR A 7 -7.36 -6.60 -21.39
C TYR A 7 -5.85 -6.53 -21.60
N SER A 8 -5.11 -7.00 -20.62
CA SER A 8 -3.66 -7.00 -20.70
C SER A 8 -3.18 -8.10 -19.76
N GLN A 9 -2.20 -8.89 -20.21
CA GLN A 9 -1.69 -9.98 -19.37
C GLN A 9 -1.14 -9.36 -18.10
N PRO A 10 -1.79 -9.64 -16.97
CA PRO A 10 -1.38 -9.09 -15.67
C PRO A 10 -0.01 -9.65 -15.34
N GLN A 11 0.87 -8.80 -14.84
CA GLN A 11 2.20 -9.24 -14.48
C GLN A 11 2.71 -8.71 -13.15
N PHE A 12 2.46 -9.52 -12.11
CA PHE A 12 2.84 -9.28 -10.72
C PHE A 12 1.92 -10.28 -10.01
N ARG A 13 2.38 -11.51 -9.84
CA ARG A 13 1.56 -12.51 -9.17
C ARG A 13 1.44 -12.14 -7.70
N ILE A 14 0.35 -12.56 -7.04
CA ILE A 14 0.12 -12.26 -5.63
C ILE A 14 -0.49 -13.46 -4.94
N LYS A 15 -0.27 -13.59 -3.63
CA LYS A 15 -0.88 -14.69 -2.91
C LYS A 15 -2.38 -14.42 -2.92
N GLY A 16 -3.12 -15.17 -3.73
CA GLY A 16 -4.55 -14.96 -3.79
C GLY A 16 -5.06 -14.57 -5.15
N GLY A 17 -4.15 -14.20 -6.05
CA GLY A 17 -4.52 -13.81 -7.40
C GLY A 17 -3.34 -13.37 -8.25
N LEU A 18 -3.36 -12.10 -8.67
CA LEU A 18 -2.32 -11.53 -9.50
C LEU A 18 -2.71 -10.08 -9.81
N PHE A 19 -1.77 -9.15 -9.74
CA PHE A 19 -2.04 -7.73 -10.00
C PHE A 19 -2.59 -7.46 -11.38
N ALA A 20 -3.52 -6.51 -11.47
CA ALA A 20 -4.17 -6.18 -12.75
C ALA A 20 -4.59 -4.73 -12.89
N ASP A 21 -4.35 -4.22 -14.10
CA ASP A 21 -4.65 -2.85 -14.48
C ASP A 21 -6.14 -2.61 -14.55
N ILE A 22 -6.62 -1.50 -14.02
CA ILE A 22 -8.05 -1.24 -14.02
C ILE A 22 -8.65 -1.35 -15.41
N ALA A 23 -7.87 -1.01 -16.43
CA ALA A 23 -8.36 -1.10 -17.80
C ALA A 23 -8.91 -2.50 -18.09
N SER A 24 -8.30 -3.49 -17.45
CA SER A 24 -8.71 -4.88 -17.60
C SER A 24 -10.15 -5.15 -17.10
N HIS A 25 -10.62 -4.41 -16.11
CA HIS A 25 -11.97 -4.60 -15.59
C HIS A 25 -12.47 -3.21 -15.26
N PRO A 26 -12.66 -2.37 -16.28
CA PRO A 26 -13.12 -0.99 -16.19
C PRO A 26 -14.46 -0.75 -15.46
N TRP A 27 -15.08 -1.84 -15.00
CA TRP A 27 -16.35 -1.78 -14.28
C TRP A 27 -16.15 -1.97 -12.77
N GLN A 28 -14.89 -2.16 -12.37
CA GLN A 28 -14.52 -2.32 -10.98
C GLN A 28 -14.61 -0.96 -10.35
N ALA A 29 -15.18 -0.89 -9.16
CA ALA A 29 -15.33 0.39 -8.48
C ALA A 29 -14.89 0.29 -7.03
N ALA A 30 -14.29 1.37 -6.53
CA ALA A 30 -13.81 1.42 -5.14
C ALA A 30 -14.73 2.31 -4.33
N ILE A 31 -15.32 1.77 -3.28
CA ILE A 31 -16.23 2.55 -2.45
C ILE A 31 -15.57 3.00 -1.14
N PHE A 32 -15.36 4.29 -0.99
CA PHE A 32 -14.74 4.80 0.23
C PHE A 32 -15.74 5.43 1.18
N ALA A 33 -15.65 4.99 2.43
CA ALA A 33 -16.50 5.49 3.49
C ALA A 33 -15.64 6.38 4.39
N LYS A 34 -16.21 7.48 4.85
CA LYS A 34 -15.49 8.40 5.72
C LYS A 34 -15.83 8.09 7.17
N HIS A 35 -15.07 8.65 8.11
CA HIS A 35 -15.34 8.43 9.52
C HIS A 35 -16.03 9.65 10.14
N ARG A 36 -16.08 9.72 11.46
CA ARG A 36 -16.73 10.84 12.16
C ARG A 36 -16.12 12.20 11.86
N ARG A 37 -16.91 13.04 11.19
CA ARG A 37 -16.55 14.39 10.80
C ARG A 37 -15.24 14.66 10.05
N SER A 38 -15.16 14.09 8.86
CA SER A 38 -14.04 14.27 7.94
C SER A 38 -12.59 13.99 8.37
N PRO A 39 -12.33 12.87 9.08
CA PRO A 39 -10.95 12.61 9.47
C PRO A 39 -10.19 11.96 8.32
N GLY A 40 -10.94 11.43 7.34
CA GLY A 40 -10.34 10.79 6.18
C GLY A 40 -11.20 9.64 5.67
N GLU A 41 -10.89 9.17 4.46
CA GLU A 41 -11.61 8.06 3.83
C GLU A 41 -11.12 6.73 4.35
N ARG A 42 -11.76 5.66 3.90
CA ARG A 42 -11.39 4.31 4.30
C ARG A 42 -11.90 3.37 3.22
N PHE A 43 -11.08 2.42 2.78
CA PHE A 43 -11.56 1.49 1.77
C PHE A 43 -12.63 0.62 2.44
N LEU A 44 -13.87 0.72 1.96
CA LEU A 44 -14.95 -0.05 2.53
C LEU A 44 -15.22 -1.31 1.74
N CYS A 45 -15.43 -1.15 0.43
CA CYS A 45 -15.73 -2.28 -0.45
C CYS A 45 -15.59 -1.94 -1.92
N GLY A 46 -16.02 -2.89 -2.75
CA GLY A 46 -15.97 -2.71 -4.19
C GLY A 46 -17.36 -2.60 -4.81
N GLY A 47 -17.39 -2.12 -6.05
CA GLY A 47 -18.64 -1.95 -6.74
C GLY A 47 -18.56 -2.35 -8.21
N ILE A 48 -19.67 -2.90 -8.71
CA ILE A 48 -19.78 -3.34 -10.09
C ILE A 48 -20.66 -2.32 -10.77
N LEU A 49 -20.12 -1.62 -11.77
CA LEU A 49 -20.87 -0.60 -12.51
C LEU A 49 -21.84 -1.18 -13.54
N ILE A 50 -23.14 -0.90 -13.36
CA ILE A 50 -24.16 -1.42 -14.28
C ILE A 50 -24.83 -0.34 -15.15
N SER A 51 -24.58 0.93 -14.83
CA SER A 51 -25.11 2.04 -15.60
C SER A 51 -24.46 3.31 -15.07
N SER A 52 -24.47 4.37 -15.87
CA SER A 52 -23.84 5.64 -15.49
C SER A 52 -24.01 6.14 -14.06
N CYS A 53 -25.12 5.80 -13.41
CA CYS A 53 -25.32 6.26 -12.04
C CYS A 53 -25.78 5.17 -11.10
N TRP A 54 -25.46 3.93 -11.44
CA TRP A 54 -25.86 2.82 -10.61
C TRP A 54 -24.80 1.74 -10.49
N ILE A 55 -24.31 1.55 -9.27
CA ILE A 55 -23.31 0.52 -9.00
C ILE A 55 -23.87 -0.53 -8.07
N LEU A 56 -23.58 -1.79 -8.37
CA LEU A 56 -24.03 -2.89 -7.54
C LEU A 56 -22.92 -3.11 -6.51
N SER A 57 -23.27 -3.58 -5.32
CA SER A 57 -22.32 -3.87 -4.26
C SER A 57 -22.94 -4.88 -3.33
N ALA A 58 -22.19 -5.32 -2.33
CA ALA A 58 -22.69 -6.30 -1.38
C ALA A 58 -23.53 -5.61 -0.32
N ALA A 59 -24.55 -6.33 0.15
CA ALA A 59 -25.45 -5.84 1.21
C ALA A 59 -24.71 -5.67 2.55
N HIS A 60 -23.95 -6.69 2.94
CA HIS A 60 -23.22 -6.69 4.19
C HIS A 60 -22.22 -5.58 4.25
N CYS A 61 -21.81 -5.09 3.10
CA CYS A 61 -20.84 -4.02 3.09
C CYS A 61 -21.39 -2.79 3.77
N PHE A 62 -22.72 -2.68 3.86
CA PHE A 62 -23.33 -1.51 4.49
C PHE A 62 -24.01 -1.73 5.84
N GLN A 63 -23.69 -2.85 6.50
CA GLN A 63 -24.25 -3.20 7.81
C GLN A 63 -24.18 -1.98 8.72
N GLU A 64 -23.10 -1.22 8.57
CA GLU A 64 -22.82 -0.04 9.35
C GLU A 64 -23.82 1.11 9.31
N ARG A 65 -24.83 1.02 8.44
CA ARG A 65 -25.85 2.07 8.31
C ARG A 65 -25.27 3.46 8.07
N PHE A 66 -24.36 3.56 7.10
CA PHE A 66 -23.72 4.83 6.76
C PHE A 66 -24.68 5.91 6.29
N PRO A 67 -24.36 7.17 6.60
CA PRO A 67 -25.23 8.27 6.16
C PRO A 67 -24.88 8.42 4.67
N PRO A 68 -25.89 8.46 3.79
CA PRO A 68 -25.64 8.59 2.35
C PRO A 68 -24.43 9.40 1.95
N HIS A 69 -24.38 10.65 2.41
CA HIS A 69 -23.26 11.54 2.10
C HIS A 69 -21.97 11.17 2.85
N HIS A 70 -21.79 9.89 3.14
CA HIS A 70 -20.60 9.44 3.87
C HIS A 70 -19.86 8.34 3.09
N LEU A 71 -20.24 8.17 1.82
CA LEU A 71 -19.64 7.18 0.94
C LEU A 71 -19.32 7.87 -0.38
N THR A 72 -18.18 7.52 -0.97
CA THR A 72 -17.76 8.10 -2.23
C THR A 72 -17.44 6.96 -3.20
N VAL A 73 -17.96 7.05 -4.41
CA VAL A 73 -17.71 6.02 -5.39
C VAL A 73 -16.67 6.48 -6.36
N ILE A 74 -15.58 5.72 -6.46
CA ILE A 74 -14.50 6.07 -7.36
C ILE A 74 -14.36 4.98 -8.42
N LEU A 75 -14.24 5.43 -9.66
CA LEU A 75 -14.13 4.55 -10.81
C LEU A 75 -12.85 4.82 -11.57
N GLY A 76 -12.51 3.90 -12.47
CA GLY A 76 -11.33 4.03 -13.30
C GLY A 76 -10.05 4.19 -12.51
N ARG A 77 -9.86 3.35 -11.50
CA ARG A 77 -8.66 3.44 -10.67
C ARG A 77 -7.93 2.09 -10.54
N THR A 78 -6.63 2.09 -10.84
CA THR A 78 -5.78 0.88 -10.73
C THR A 78 -5.22 0.75 -9.30
N TYR A 79 -4.94 1.89 -8.69
CA TYR A 79 -4.42 1.91 -7.33
C TYR A 79 -5.52 2.33 -6.34
N ARG A 80 -5.66 1.54 -5.28
CA ARG A 80 -6.66 1.79 -4.26
C ARG A 80 -6.75 3.27 -3.84
N VAL A 81 -5.60 3.86 -3.47
CA VAL A 81 -5.57 5.25 -3.01
C VAL A 81 -4.86 6.24 -3.94
N VAL A 82 -3.89 5.77 -4.71
CA VAL A 82 -3.17 6.65 -5.62
C VAL A 82 -4.10 7.05 -6.73
N PRO A 83 -4.49 8.33 -6.76
CA PRO A 83 -5.39 8.85 -7.78
C PRO A 83 -4.93 8.54 -9.19
N GLY A 84 -5.81 7.88 -9.92
CA GLY A 84 -5.51 7.56 -11.30
C GLY A 84 -5.85 8.81 -12.09
N GLU A 85 -5.22 9.00 -13.24
CA GLU A 85 -5.49 10.18 -14.02
C GLU A 85 -6.88 10.16 -14.62
N GLU A 86 -7.25 9.05 -15.26
CA GLU A 86 -8.57 8.98 -15.89
C GLU A 86 -9.70 8.59 -14.93
N GLU A 87 -9.37 8.47 -13.66
CA GLU A 87 -10.36 8.09 -12.65
C GLU A 87 -11.52 9.06 -12.63
N GLN A 88 -12.70 8.56 -12.27
CA GLN A 88 -13.91 9.37 -12.17
C GLN A 88 -14.40 9.18 -10.76
N LYS A 89 -14.89 10.25 -10.16
CA LYS A 89 -15.39 10.17 -8.78
C LYS A 89 -16.84 10.65 -8.71
N PHE A 90 -17.61 10.08 -7.80
CA PHE A 90 -19.00 10.47 -7.63
C PHE A 90 -19.41 10.29 -6.20
N GLU A 91 -20.24 11.19 -5.70
CA GLU A 91 -20.74 11.12 -4.34
C GLU A 91 -21.98 10.22 -4.37
N VAL A 92 -22.31 9.61 -3.24
CA VAL A 92 -23.48 8.75 -3.22
C VAL A 92 -24.74 9.58 -3.04
N GLU A 93 -25.64 9.49 -4.01
CA GLU A 93 -26.91 10.19 -3.96
C GLU A 93 -27.72 9.49 -2.87
N LYS A 94 -28.05 8.23 -3.14
CA LYS A 94 -28.80 7.43 -2.19
C LYS A 94 -28.37 5.99 -2.42
N TYR A 95 -28.73 5.09 -1.51
CA TYR A 95 -28.35 3.71 -1.68
C TYR A 95 -29.35 2.80 -1.00
N ILE A 96 -29.80 1.78 -1.72
CA ILE A 96 -30.76 0.83 -1.18
C ILE A 96 -29.95 -0.39 -0.80
N VAL A 97 -30.55 -1.21 0.04
CA VAL A 97 -29.93 -2.44 0.49
C VAL A 97 -31.12 -3.40 0.51
N HIS A 98 -30.92 -4.65 0.13
CA HIS A 98 -32.02 -5.59 0.11
C HIS A 98 -32.72 -5.64 1.46
N LYS A 99 -34.02 -5.34 1.43
CA LYS A 99 -34.87 -5.33 2.62
C LYS A 99 -34.89 -6.63 3.41
N GLU A 100 -34.33 -7.71 2.88
CA GLU A 100 -34.33 -8.99 3.58
C GLU A 100 -32.94 -9.56 3.85
N PHE A 101 -31.93 -8.70 3.80
CA PHE A 101 -30.58 -9.17 4.03
C PHE A 101 -30.42 -9.85 5.39
N ASP A 102 -30.41 -11.17 5.40
CA ASP A 102 -30.26 -11.93 6.64
C ASP A 102 -28.78 -11.87 7.12
N ASP A 103 -28.46 -10.85 7.91
CA ASP A 103 -27.10 -10.68 8.42
C ASP A 103 -26.45 -11.96 8.98
N ASP A 104 -27.24 -12.93 9.42
CA ASP A 104 -26.68 -14.16 9.98
C ASP A 104 -26.18 -15.13 8.94
N THR A 105 -26.70 -15.04 7.71
CA THR A 105 -26.30 -15.94 6.64
C THR A 105 -25.97 -15.30 5.32
N TYR A 106 -25.84 -13.99 5.33
CA TYR A 106 -25.51 -13.23 4.11
C TYR A 106 -26.48 -13.59 3.01
N ASP A 107 -27.67 -14.01 3.44
CA ASP A 107 -28.73 -14.36 2.53
C ASP A 107 -29.14 -13.01 1.91
N ASN A 108 -29.23 -12.98 0.59
CA ASN A 108 -29.63 -11.77 -0.12
C ASN A 108 -28.59 -10.66 -0.08
N ASP A 109 -27.32 -11.06 -0.10
CA ASP A 109 -26.20 -10.11 -0.08
C ASP A 109 -26.17 -9.34 -1.41
N ILE A 110 -26.76 -8.17 -1.42
CA ILE A 110 -26.81 -7.34 -2.62
C ILE A 110 -27.36 -5.98 -2.24
N ALA A 111 -26.86 -4.93 -2.87
CA ALA A 111 -27.34 -3.59 -2.60
C ALA A 111 -27.01 -2.70 -3.80
N LEU A 112 -27.74 -1.62 -3.95
CA LEU A 112 -27.53 -0.74 -5.09
C LEU A 112 -27.26 0.66 -4.61
N LEU A 113 -26.39 1.37 -5.29
CA LEU A 113 -26.12 2.75 -4.91
C LEU A 113 -26.42 3.58 -6.14
N GLN A 114 -26.81 4.83 -5.92
CA GLN A 114 -27.10 5.75 -7.01
C GLN A 114 -26.14 6.92 -6.94
N LEU A 115 -25.40 7.12 -8.04
CA LEU A 115 -24.41 8.20 -8.13
C LEU A 115 -25.03 9.59 -8.19
N LYS A 116 -24.56 10.47 -7.30
CA LYS A 116 -25.05 11.84 -7.22
C LYS A 116 -24.45 12.73 -8.30
N SER A 117 -25.30 13.13 -9.24
CA SER A 117 -24.94 14.04 -10.32
C SER A 117 -26.22 14.82 -10.57
N ASP A 118 -26.11 16.13 -10.72
CA ASP A 118 -27.27 16.99 -10.97
C ASP A 118 -27.99 16.63 -12.27
N SER A 119 -27.47 15.65 -12.99
CA SER A 119 -28.06 15.20 -14.24
C SER A 119 -28.40 13.72 -14.15
N SER A 120 -29.15 13.23 -15.13
CA SER A 120 -29.56 11.84 -15.15
C SER A 120 -28.44 10.91 -15.62
N ARG A 121 -27.23 11.46 -15.73
CA ARG A 121 -26.04 10.73 -16.16
C ARG A 121 -24.92 11.17 -15.23
N CYS A 122 -24.04 10.25 -14.86
CA CYS A 122 -22.92 10.56 -13.98
C CYS A 122 -21.64 10.14 -14.65
N ALA A 123 -21.34 8.84 -14.58
CA ALA A 123 -20.13 8.30 -15.17
C ALA A 123 -20.16 8.26 -16.70
N GLN A 124 -19.22 8.96 -17.33
CA GLN A 124 -19.13 8.98 -18.78
C GLN A 124 -18.29 7.77 -19.21
N GLU A 125 -18.84 6.89 -20.03
CA GLU A 125 -18.10 5.71 -20.48
C GLU A 125 -16.70 6.07 -20.98
N SER A 126 -15.74 5.19 -20.70
CA SER A 126 -14.35 5.36 -21.11
C SER A 126 -13.58 4.03 -21.05
N SER A 127 -12.28 4.08 -21.37
CA SER A 127 -11.44 2.89 -21.37
C SER A 127 -11.09 2.40 -19.96
N VAL A 128 -11.48 3.16 -18.95
CA VAL A 128 -11.19 2.76 -17.58
C VAL A 128 -12.46 2.68 -16.74
N VAL A 129 -13.57 3.14 -17.32
CA VAL A 129 -14.87 3.12 -16.65
C VAL A 129 -15.90 2.67 -17.66
N ARG A 130 -16.32 1.41 -17.60
CA ARG A 130 -17.32 0.92 -18.54
C ARG A 130 -18.23 -0.01 -17.76
N THR A 131 -19.46 -0.20 -18.25
CA THR A 131 -20.42 -1.05 -17.56
C THR A 131 -20.35 -2.53 -17.94
N VAL A 132 -20.69 -3.39 -16.99
CA VAL A 132 -20.70 -4.84 -17.21
C VAL A 132 -22.08 -5.22 -17.77
N CYS A 133 -22.17 -6.38 -18.40
CA CYS A 133 -23.46 -6.84 -18.93
C CYS A 133 -24.13 -7.73 -17.87
N LEU A 134 -25.38 -7.43 -17.52
CA LEU A 134 -26.07 -8.28 -16.57
C LEU A 134 -26.31 -9.63 -17.23
N PRO A 135 -26.53 -10.67 -16.43
CA PRO A 135 -26.75 -11.98 -17.05
C PRO A 135 -28.16 -12.06 -17.61
N PRO A 136 -28.32 -12.80 -18.70
CA PRO A 136 -29.68 -12.91 -19.25
C PRO A 136 -30.40 -13.84 -18.27
N ALA A 137 -31.67 -13.59 -18.01
CA ALA A 137 -32.38 -14.41 -17.05
C ALA A 137 -32.26 -15.90 -17.31
N ASP A 138 -32.08 -16.27 -18.58
CA ASP A 138 -32.00 -17.69 -18.95
C ASP A 138 -30.61 -18.30 -18.97
N LEU A 139 -29.59 -17.50 -18.67
CA LEU A 139 -28.21 -17.98 -18.67
C LEU A 139 -27.94 -19.01 -17.62
N GLN A 140 -27.17 -20.02 -18.00
CA GLN A 140 -26.78 -21.08 -17.08
C GLN A 140 -25.48 -21.65 -17.61
N LEU A 141 -24.39 -20.97 -17.26
CA LEU A 141 -23.07 -21.38 -17.68
C LEU A 141 -22.82 -22.79 -17.12
N PRO A 142 -22.08 -23.61 -17.87
CA PRO A 142 -21.74 -24.99 -17.53
C PRO A 142 -21.02 -25.19 -16.22
N ASP A 143 -20.77 -26.44 -15.88
CA ASP A 143 -20.03 -26.71 -14.67
C ASP A 143 -18.63 -26.15 -14.86
N TRP A 144 -17.94 -25.96 -13.76
CA TRP A 144 -16.59 -25.48 -13.72
C TRP A 144 -16.23 -24.41 -14.72
N THR A 145 -17.18 -23.58 -15.13
CA THR A 145 -16.85 -22.51 -16.08
C THR A 145 -15.73 -21.59 -15.59
N GLU A 146 -14.78 -21.33 -16.48
CA GLU A 146 -13.64 -20.46 -16.18
C GLU A 146 -14.10 -18.99 -16.10
N CYS A 147 -14.10 -18.43 -14.90
CA CYS A 147 -14.49 -17.04 -14.69
C CYS A 147 -13.35 -16.27 -14.00
N GLU A 148 -13.57 -14.98 -13.75
CA GLU A 148 -12.55 -14.15 -13.10
C GLU A 148 -13.12 -12.97 -12.31
N LEU A 149 -12.62 -12.80 -11.09
CA LEU A 149 -13.05 -11.76 -10.19
C LEU A 149 -11.94 -10.74 -9.87
N SER A 150 -12.32 -9.56 -9.35
CA SER A 150 -11.36 -8.51 -9.05
C SER A 150 -11.77 -7.59 -7.93
N GLY A 151 -10.77 -6.95 -7.31
CA GLY A 151 -10.99 -6.01 -6.20
C GLY A 151 -9.75 -5.38 -5.58
N TYR A 152 -9.89 -4.73 -4.43
CA TYR A 152 -8.77 -4.10 -3.74
C TYR A 152 -8.60 -4.67 -2.32
N GLY A 153 -9.31 -5.76 -2.05
CA GLY A 153 -9.30 -6.38 -0.75
C GLY A 153 -8.00 -6.95 -0.29
N LYS A 154 -8.02 -7.51 0.92
CA LYS A 154 -6.87 -8.12 1.57
C LYS A 154 -6.23 -9.21 0.74
N HIS A 155 -4.99 -9.55 1.08
CA HIS A 155 -4.29 -10.59 0.36
C HIS A 155 -4.34 -11.93 1.08
N GLU A 156 -5.03 -11.94 2.22
CA GLU A 156 -5.21 -13.15 3.00
C GLU A 156 -5.91 -12.71 4.27
N ALA A 157 -6.77 -13.57 4.80
CA ALA A 157 -7.54 -13.30 6.02
C ALA A 157 -6.93 -12.33 7.06
N LEU A 158 -5.96 -12.83 7.82
CA LEU A 158 -5.31 -12.07 8.89
C LEU A 158 -4.51 -10.80 8.55
N SER A 159 -4.27 -10.51 7.27
CA SER A 159 -3.53 -9.30 6.88
C SER A 159 -4.26 -8.00 7.27
N PRO A 160 -3.61 -7.13 8.04
CA PRO A 160 -4.27 -5.88 8.44
C PRO A 160 -4.39 -4.86 7.31
N PHE A 161 -3.98 -5.22 6.10
CA PHE A 161 -4.03 -4.25 5.01
C PHE A 161 -4.72 -4.67 3.71
N TYR A 162 -5.24 -3.65 3.01
CA TYR A 162 -5.93 -3.78 1.73
C TYR A 162 -4.89 -3.60 0.62
N SER A 163 -5.07 -4.30 -0.50
CA SER A 163 -4.13 -4.25 -1.64
C SER A 163 -3.97 -2.87 -2.30
N GLU A 164 -2.76 -2.33 -2.30
CA GLU A 164 -2.62 -1.02 -2.91
C GLU A 164 -2.81 -1.00 -4.42
N ARG A 165 -2.98 -2.19 -5.01
CA ARG A 165 -3.23 -2.28 -6.44
C ARG A 165 -4.32 -3.32 -6.71
N LEU A 166 -5.21 -3.02 -7.67
CA LEU A 166 -6.30 -3.91 -8.05
C LEU A 166 -5.84 -5.31 -8.36
N LYS A 167 -6.27 -6.24 -7.54
CA LYS A 167 -5.88 -7.61 -7.75
C LYS A 167 -6.93 -8.25 -8.60
N GLU A 168 -6.54 -9.28 -9.35
CA GLU A 168 -7.51 -10.02 -10.16
C GLU A 168 -7.27 -11.49 -9.90
N ALA A 169 -8.34 -12.27 -9.93
CA ALA A 169 -8.21 -13.70 -9.68
C ALA A 169 -9.14 -14.44 -10.60
N HIS A 170 -8.73 -15.63 -11.03
CA HIS A 170 -9.54 -16.46 -11.92
C HIS A 170 -9.96 -17.72 -11.17
N VAL A 171 -11.23 -18.08 -11.28
CA VAL A 171 -11.77 -19.23 -10.60
C VAL A 171 -12.76 -19.98 -11.49
N ARG A 172 -13.33 -21.06 -10.95
CA ARG A 172 -14.29 -21.85 -11.69
C ARG A 172 -15.60 -21.95 -10.92
N LEU A 173 -16.71 -21.69 -11.61
CA LEU A 173 -18.05 -21.81 -11.00
C LEU A 173 -18.13 -23.27 -10.54
N TYR A 174 -18.71 -23.52 -9.39
CA TYR A 174 -18.80 -24.88 -8.89
C TYR A 174 -20.12 -25.56 -9.27
N PRO A 175 -20.16 -26.90 -9.25
CA PRO A 175 -21.42 -27.57 -9.58
C PRO A 175 -22.27 -27.45 -8.33
N SER A 176 -23.58 -27.37 -8.56
CA SER A 176 -24.54 -27.25 -7.48
C SER A 176 -24.28 -28.27 -6.37
N SER A 177 -23.88 -29.47 -6.75
CA SER A 177 -23.61 -30.51 -5.78
C SER A 177 -22.60 -30.13 -4.69
N ARG A 178 -21.62 -29.29 -5.05
CA ARG A 178 -20.58 -28.87 -4.10
C ARG A 178 -20.89 -27.57 -3.37
N CYS A 179 -21.79 -26.77 -3.92
CA CYS A 179 -22.14 -25.51 -3.30
C CYS A 179 -23.21 -25.72 -2.25
N THR A 180 -22.85 -26.45 -1.19
CA THR A 180 -23.79 -26.73 -0.12
C THR A 180 -23.11 -26.64 1.23
N SER A 181 -23.92 -26.35 2.24
CA SER A 181 -23.47 -26.19 3.61
C SER A 181 -22.52 -27.28 4.11
N GLN A 182 -22.69 -28.50 3.62
CA GLN A 182 -21.83 -29.61 4.02
C GLN A 182 -20.38 -29.30 3.62
N HIS A 183 -20.22 -28.66 2.48
CA HIS A 183 -18.90 -28.30 1.99
C HIS A 183 -18.39 -27.04 2.67
N LEU A 184 -19.30 -26.24 3.22
CA LEU A 184 -18.92 -25.00 3.89
C LEU A 184 -19.14 -24.96 5.39
N LEU A 185 -18.37 -25.77 6.11
CA LEU A 185 -18.44 -25.82 7.57
C LEU A 185 -19.84 -25.73 8.19
N ASN A 186 -20.84 -26.35 7.56
CA ASN A 186 -22.23 -26.34 8.05
C ASN A 186 -22.91 -25.00 7.91
N ARG A 187 -22.15 -23.94 7.66
CA ARG A 187 -22.72 -22.60 7.50
C ARG A 187 -23.86 -22.72 6.47
N THR A 188 -24.79 -21.78 6.44
CA THR A 188 -25.88 -21.93 5.51
C THR A 188 -25.63 -21.43 4.10
N VAL A 189 -26.24 -22.08 3.13
CA VAL A 189 -26.11 -21.71 1.72
C VAL A 189 -27.51 -21.68 1.12
N THR A 190 -28.01 -20.49 0.79
CA THR A 190 -29.35 -20.38 0.22
C THR A 190 -29.33 -20.48 -1.31
N ASP A 191 -30.48 -20.50 -1.97
CA ASP A 191 -30.49 -20.60 -3.44
C ASP A 191 -30.30 -19.26 -4.17
N ASN A 192 -29.60 -18.33 -3.54
CA ASN A 192 -29.30 -17.04 -4.15
C ASN A 192 -27.77 -16.91 -4.11
N MET A 193 -27.14 -18.00 -3.67
CA MET A 193 -25.70 -18.08 -3.51
C MET A 193 -25.16 -19.09 -4.48
N LEU A 194 -23.89 -18.90 -4.87
CA LEU A 194 -23.21 -19.79 -5.81
C LEU A 194 -21.76 -19.90 -5.42
N CYS A 195 -21.20 -21.09 -5.54
CA CYS A 195 -19.80 -21.30 -5.19
C CYS A 195 -18.94 -21.29 -6.45
N ALA A 196 -17.72 -20.79 -6.30
CA ALA A 196 -16.75 -20.71 -7.39
C ALA A 196 -15.43 -20.45 -6.72
N GLY A 197 -14.40 -21.13 -7.20
CA GLY A 197 -13.08 -20.97 -6.62
C GLY A 197 -12.02 -21.69 -7.42
N ASP A 198 -10.82 -21.80 -6.85
CA ASP A 198 -9.72 -22.47 -7.53
C ASP A 198 -9.81 -23.99 -7.25
N THR A 199 -9.50 -24.80 -8.26
CA THR A 199 -9.57 -26.25 -8.08
C THR A 199 -8.23 -26.90 -7.86
N ARG A 200 -7.15 -26.13 -8.01
CA ARG A 200 -5.79 -26.61 -7.85
C ARG A 200 -5.38 -26.73 -6.39
N SER A 201 -4.36 -27.54 -6.14
CA SER A 201 -3.79 -27.77 -4.81
C SER A 201 -2.69 -28.83 -4.91
N GLY A 202 -2.49 -29.61 -3.85
CA GLY A 202 -1.49 -30.66 -3.87
C GLY A 202 -0.04 -30.24 -3.79
N GLY A 203 0.46 -29.57 -4.83
CA GLY A 203 1.83 -29.11 -4.85
C GLY A 203 2.19 -28.44 -3.54
N PRO A 204 3.39 -28.71 -2.98
CA PRO A 204 3.90 -28.15 -1.72
C PRO A 204 3.53 -26.70 -1.47
N GLN A 205 2.27 -26.49 -1.08
CA GLN A 205 1.69 -25.19 -0.80
C GLN A 205 1.59 -24.33 -2.05
N ALA A 206 0.40 -23.77 -2.28
CA ALA A 206 0.16 -22.92 -3.45
C ALA A 206 -0.66 -21.69 -3.07
N ASN A 207 -0.55 -20.65 -3.90
CA ASN A 207 -1.34 -19.46 -3.65
C ASN A 207 -2.59 -19.64 -4.54
N LEU A 208 -3.68 -20.07 -3.93
CA LEU A 208 -4.93 -20.29 -4.64
C LEU A 208 -5.68 -18.99 -4.86
N HIS A 209 -6.32 -18.87 -6.01
CA HIS A 209 -7.03 -17.66 -6.29
C HIS A 209 -8.34 -17.65 -5.57
N ASP A 210 -8.68 -16.49 -5.00
CA ASP A 210 -9.95 -16.29 -4.30
C ASP A 210 -10.04 -14.89 -3.75
N ALA A 211 -11.26 -14.36 -3.65
CA ALA A 211 -11.44 -13.03 -3.09
C ALA A 211 -11.23 -13.17 -1.59
N CYS A 212 -11.11 -12.03 -0.91
CA CYS A 212 -10.88 -12.00 0.52
C CYS A 212 -11.40 -10.69 1.04
N GLN A 213 -11.45 -10.56 2.36
CA GLN A 213 -11.99 -9.37 3.01
C GLN A 213 -11.56 -8.06 2.34
N GLY A 214 -12.53 -7.30 1.85
CA GLY A 214 -12.21 -6.07 1.17
C GLY A 214 -12.67 -6.27 -0.25
N ASP A 215 -12.78 -7.54 -0.65
CA ASP A 215 -13.23 -7.87 -2.00
C ASP A 215 -14.75 -7.86 -2.19
N SER A 216 -15.51 -7.78 -1.10
CA SER A 216 -16.96 -7.77 -1.22
C SER A 216 -17.49 -6.59 -2.03
N GLY A 217 -18.61 -6.82 -2.73
CA GLY A 217 -19.19 -5.77 -3.55
C GLY A 217 -18.55 -5.75 -4.92
N GLY A 218 -17.48 -6.54 -5.05
CA GLY A 218 -16.77 -6.67 -6.31
C GLY A 218 -17.51 -7.66 -7.18
N PRO A 219 -17.08 -7.83 -8.43
CA PRO A 219 -17.69 -8.74 -9.39
C PRO A 219 -17.02 -10.09 -9.48
N LEU A 220 -17.73 -11.03 -10.10
CA LEU A 220 -17.28 -12.38 -10.38
C LEU A 220 -17.87 -12.49 -11.76
N VAL A 221 -17.09 -12.15 -12.77
CA VAL A 221 -17.57 -12.18 -14.15
C VAL A 221 -17.13 -13.44 -14.90
N CYS A 222 -17.88 -13.77 -15.96
CA CYS A 222 -17.62 -14.92 -16.84
C CYS A 222 -17.82 -14.47 -18.29
N LEU A 223 -17.06 -15.03 -19.22
CA LEU A 223 -17.25 -14.66 -20.62
C LEU A 223 -18.56 -15.33 -21.04
N ASN A 224 -19.37 -14.62 -21.82
CA ASN A 224 -20.66 -15.15 -22.27
C ASN A 224 -21.10 -14.28 -23.43
N ASP A 225 -21.22 -14.86 -24.61
CA ASP A 225 -21.60 -14.10 -25.80
C ASP A 225 -20.49 -13.09 -26.12
N GLY A 226 -19.24 -13.56 -26.20
CA GLY A 226 -18.13 -12.66 -26.51
C GLY A 226 -17.92 -11.45 -25.60
N ARG A 227 -18.74 -11.33 -24.56
CA ARG A 227 -18.63 -10.23 -23.62
C ARG A 227 -18.47 -10.76 -22.22
N MET A 228 -18.13 -9.87 -21.30
CA MET A 228 -17.97 -10.24 -19.91
C MET A 228 -19.30 -9.99 -19.22
N THR A 229 -19.84 -11.01 -18.57
CA THR A 229 -21.13 -10.88 -17.92
C THR A 229 -21.07 -11.11 -16.42
N LEU A 230 -21.70 -10.21 -15.69
CA LEU A 230 -21.75 -10.34 -14.25
C LEU A 230 -22.56 -11.60 -13.97
N VAL A 231 -22.03 -12.48 -13.13
CA VAL A 231 -22.72 -13.72 -12.77
C VAL A 231 -22.99 -13.73 -11.27
N GLY A 232 -22.02 -13.23 -10.51
CA GLY A 232 -22.15 -13.17 -9.07
C GLY A 232 -21.45 -11.99 -8.43
N ILE A 233 -21.84 -11.69 -7.19
CA ILE A 233 -21.24 -10.60 -6.44
C ILE A 233 -20.51 -11.30 -5.30
N ILE A 234 -19.32 -10.76 -4.98
CA ILE A 234 -18.47 -11.30 -3.92
C ILE A 234 -19.20 -11.11 -2.59
N SER A 235 -19.60 -12.22 -1.97
CA SER A 235 -20.33 -12.17 -0.71
C SER A 235 -19.62 -12.67 0.50
N TRP A 236 -19.30 -13.95 0.54
CA TRP A 236 -18.63 -14.46 1.73
C TRP A 236 -17.83 -15.76 1.58
N GLY A 237 -17.09 -16.13 2.63
CA GLY A 237 -16.31 -17.35 2.54
C GLY A 237 -15.35 -17.71 3.66
N LEU A 238 -15.12 -19.02 3.82
CA LEU A 238 -14.20 -19.51 4.83
C LEU A 238 -12.77 -19.08 4.58
N GLY A 239 -12.44 -17.94 5.18
CA GLY A 239 -11.11 -17.38 5.08
C GLY A 239 -10.80 -16.84 3.70
N CYS A 240 -9.63 -17.23 3.20
CA CYS A 240 -9.19 -16.77 1.90
C CYS A 240 -8.21 -17.71 1.21
N GLY A 241 -8.74 -18.66 0.44
CA GLY A 241 -7.94 -19.63 -0.33
C GLY A 241 -7.81 -21.04 0.20
N GLN A 242 -8.65 -21.41 1.17
CA GLN A 242 -8.59 -22.74 1.79
C GLN A 242 -8.79 -23.85 0.77
N LYS A 243 -8.02 -24.94 0.94
CA LYS A 243 -8.08 -26.10 0.05
C LYS A 243 -9.48 -26.70 0.05
N ASP A 244 -9.98 -27.01 -1.15
CA ASP A 244 -11.30 -27.62 -1.32
C ASP A 244 -12.50 -26.76 -0.90
N VAL A 245 -12.23 -25.55 -0.42
CA VAL A 245 -13.30 -24.68 0.04
C VAL A 245 -13.57 -23.53 -0.91
N PRO A 246 -14.74 -23.51 -1.56
CA PRO A 246 -15.09 -22.44 -2.50
C PRO A 246 -15.44 -21.12 -1.82
N GLY A 247 -15.65 -20.11 -2.63
CA GLY A 247 -16.03 -18.82 -2.10
C GLY A 247 -17.50 -18.75 -2.44
N VAL A 248 -18.28 -17.98 -1.68
CA VAL A 248 -19.71 -17.86 -1.94
C VAL A 248 -20.06 -16.51 -2.58
N TYR A 249 -20.73 -16.56 -3.73
CA TYR A 249 -21.14 -15.35 -4.45
C TYR A 249 -22.66 -15.29 -4.57
N THR A 250 -23.15 -14.09 -4.84
CA THR A 250 -24.57 -13.82 -5.00
C THR A 250 -24.99 -14.01 -6.46
N LYS A 251 -26.05 -14.80 -6.67
CA LYS A 251 -26.58 -15.06 -8.00
C LYS A 251 -27.21 -13.79 -8.59
N VAL A 252 -26.42 -13.01 -9.30
CA VAL A 252 -26.93 -11.78 -9.89
C VAL A 252 -28.25 -12.01 -10.63
N THR A 253 -28.33 -13.13 -11.36
CA THR A 253 -29.53 -13.52 -12.13
C THR A 253 -30.80 -13.47 -11.27
N ASN A 254 -30.75 -14.12 -10.10
CA ASN A 254 -31.89 -14.14 -9.22
C ASN A 254 -32.37 -12.75 -8.86
N TYR A 255 -31.45 -11.80 -8.71
CA TYR A 255 -31.84 -10.42 -8.35
C TYR A 255 -32.00 -9.46 -9.51
N LEU A 256 -32.05 -10.00 -10.73
CA LEU A 256 -32.21 -9.18 -11.95
C LEU A 256 -33.37 -8.20 -11.82
N ASP A 257 -34.54 -8.73 -11.52
CA ASP A 257 -35.77 -7.94 -11.36
C ASP A 257 -35.66 -6.90 -10.25
N TRP A 258 -35.06 -7.27 -9.12
CA TRP A 258 -34.87 -6.36 -7.97
C TRP A 258 -34.01 -5.20 -8.43
N ILE A 259 -32.99 -5.54 -9.19
CA ILE A 259 -32.08 -4.56 -9.75
C ILE A 259 -32.84 -3.69 -10.73
N ARG A 260 -33.83 -4.29 -11.38
CA ARG A 260 -34.62 -3.55 -12.34
C ARG A 260 -35.57 -2.57 -11.67
N ASP A 261 -36.56 -3.10 -10.95
CA ASP A 261 -37.54 -2.26 -10.27
C ASP A 261 -36.85 -1.15 -9.45
N ASN A 262 -35.86 -1.53 -8.65
CA ASN A 262 -35.19 -0.55 -7.81
C ASN A 262 -34.59 0.66 -8.50
N MET A 263 -34.47 0.63 -9.82
CA MET A 263 -33.95 1.79 -10.54
C MET A 263 -35.19 2.58 -10.98
N ARG A 264 -35.72 3.40 -10.09
CA ARG A 264 -36.89 4.22 -10.43
C ARG A 264 -36.49 5.68 -10.58
N PRO A 265 -36.82 6.29 -11.73
CA PRO A 265 -36.51 7.70 -12.03
C PRO A 265 -37.41 8.67 -11.26
N THR B 1 15.07 27.32 12.07
CA THR B 1 15.79 26.81 10.88
C THR B 1 15.69 25.28 10.75
N CYS B 2 16.79 24.58 11.03
CA CYS B 2 16.85 23.12 10.92
C CYS B 2 16.42 22.37 12.15
N GLY B 3 16.23 21.07 11.97
CA GLY B 3 15.84 20.19 13.05
C GLY B 3 14.58 20.59 13.78
N LEU B 4 13.77 21.44 13.16
CA LEU B 4 12.52 21.89 13.76
C LEU B 4 11.39 21.08 13.14
N ARG B 5 10.32 20.88 13.89
CA ARG B 5 9.24 20.07 13.35
C ARG B 5 7.92 20.20 14.11
N GLN B 6 6.84 20.23 13.35
CA GLN B 6 5.50 20.33 13.91
C GLN B 6 5.09 18.88 14.14
N TYR B 7 5.46 18.35 15.30
CA TYR B 7 5.16 16.97 15.60
C TYR B 7 3.68 16.72 15.78
N SER B 8 3.31 15.45 15.75
CA SER B 8 1.92 15.02 15.90
C SER B 8 1.94 13.61 16.45
N GLN B 9 1.10 13.33 17.44
CA GLN B 9 1.05 12.00 18.05
C GLN B 9 0.63 10.93 17.05
N PRO B 10 1.54 9.98 16.74
CA PRO B 10 1.25 8.90 15.78
C PRO B 10 0.17 7.98 16.32
N GLN B 11 -1.06 8.24 15.91
CA GLN B 11 -2.20 7.44 16.37
C GLN B 11 -2.41 6.17 15.54
N PHE B 12 -1.32 5.44 15.31
CA PHE B 12 -1.36 4.19 14.54
C PHE B 12 -0.09 3.38 14.70
N ARG B 13 -0.22 2.17 15.24
CA ARG B 13 0.93 1.31 15.46
C ARG B 13 1.10 0.34 14.30
N ILE B 14 2.33 -0.11 14.08
CA ILE B 14 2.64 -1.07 13.01
C ILE B 14 3.65 -2.02 13.58
N LYS B 15 3.83 -3.18 12.95
CA LYS B 15 4.87 -4.08 13.43
C LYS B 15 6.17 -3.46 12.93
N GLY B 16 6.99 -2.96 13.85
CA GLY B 16 8.25 -2.36 13.45
C GLY B 16 8.31 -0.87 13.68
N GLY B 17 7.23 -0.31 14.21
CA GLY B 17 7.19 1.11 14.46
C GLY B 17 5.77 1.64 14.65
N LEU B 18 5.43 2.68 13.91
CA LEU B 18 4.12 3.29 14.03
C LEU B 18 3.93 4.38 12.96
N PHE B 19 2.75 4.40 12.32
CA PHE B 19 2.48 5.35 11.26
C PHE B 19 2.68 6.76 11.66
N ALA B 20 3.18 7.59 10.74
CA ALA B 20 3.43 8.99 11.03
C ALA B 20 3.29 9.95 9.83
N ASP B 21 2.80 11.15 10.13
CA ASP B 21 2.61 12.21 9.14
C ASP B 21 3.97 12.85 8.77
N ILE B 22 4.22 13.09 7.48
CA ILE B 22 5.50 13.67 7.00
C ILE B 22 5.87 14.95 7.74
N ALA B 23 4.87 15.74 8.12
CA ALA B 23 5.12 16.99 8.81
C ALA B 23 5.96 16.73 10.06
N SER B 24 5.86 15.50 10.59
CA SER B 24 6.60 15.08 11.77
C SER B 24 8.09 14.85 11.47
N HIS B 25 8.42 14.64 10.20
CA HIS B 25 9.79 14.40 9.76
C HIS B 25 9.90 15.05 8.40
N PRO B 26 9.73 16.37 8.36
CA PRO B 26 9.78 17.14 7.10
C PRO B 26 11.07 17.03 6.31
N TRP B 27 12.01 16.24 6.83
CA TRP B 27 13.31 16.04 6.19
C TRP B 27 13.46 14.66 5.55
N GLN B 28 12.42 13.86 5.71
CA GLN B 28 12.38 12.54 5.13
C GLN B 28 12.25 12.75 3.64
N ALA B 29 12.87 11.89 2.84
CA ALA B 29 12.77 12.03 1.41
C ALA B 29 12.63 10.64 0.84
N ALA B 30 11.78 10.48 -0.16
CA ALA B 30 11.59 9.18 -0.79
C ALA B 30 12.32 9.32 -2.12
N ILE B 31 13.21 8.39 -2.43
CA ILE B 31 13.95 8.50 -3.67
C ILE B 31 13.50 7.42 -4.62
N PHE B 32 12.87 7.85 -5.72
CA PHE B 32 12.36 6.91 -6.73
C PHE B 32 13.29 6.68 -7.92
N ALA B 33 13.45 5.41 -8.26
CA ALA B 33 14.32 4.98 -9.33
C ALA B 33 13.55 4.35 -10.47
N LYS B 34 13.63 4.96 -11.64
CA LYS B 34 12.96 4.49 -12.85
C LYS B 34 13.73 3.34 -13.49
N HIS B 35 13.01 2.34 -13.98
CA HIS B 35 13.62 1.18 -14.62
C HIS B 35 14.10 1.45 -16.05
N ARG B 36 14.51 0.40 -16.74
CA ARG B 36 15.02 0.51 -18.11
C ARG B 36 13.99 1.15 -19.05
N ARG B 37 14.25 2.41 -19.39
CA ARG B 37 13.40 3.20 -20.29
C ARG B 37 12.01 3.53 -19.74
N SER B 38 11.95 3.72 -18.44
CA SER B 38 10.73 4.11 -17.74
C SER B 38 9.46 3.26 -17.92
N PRO B 39 9.54 1.93 -17.70
CA PRO B 39 8.34 1.10 -17.86
C PRO B 39 7.39 1.42 -16.71
N GLY B 40 7.94 2.02 -15.67
CA GLY B 40 7.20 2.40 -14.49
C GLY B 40 8.21 2.82 -13.43
N GLU B 41 7.75 3.07 -12.21
CA GLU B 41 8.63 3.48 -11.12
C GLU B 41 8.94 2.44 -10.05
N ARG B 42 9.64 2.88 -9.01
CA ARG B 42 10.06 1.99 -7.95
C ARG B 42 10.62 2.75 -6.75
N PHE B 43 10.14 2.41 -5.55
CA PHE B 43 10.66 3.03 -4.35
C PHE B 43 12.01 2.41 -4.06
N LEU B 44 13.06 3.25 -4.12
CA LEU B 44 14.41 2.77 -3.91
C LEU B 44 14.93 2.96 -2.49
N CYS B 45 14.95 4.20 -2.04
CA CYS B 45 15.47 4.47 -0.71
C CYS B 45 14.96 5.76 -0.11
N GLY B 46 15.43 6.02 1.10
CA GLY B 46 15.05 7.22 1.81
C GLY B 46 16.15 8.25 1.67
N GLY B 47 15.84 9.49 2.04
CA GLY B 47 16.81 10.56 1.92
C GLY B 47 16.58 11.60 2.98
N ILE B 48 17.67 12.09 3.53
CA ILE B 48 17.66 13.09 4.59
C ILE B 48 18.07 14.43 3.97
N LEU B 49 17.15 15.39 3.91
CA LEU B 49 17.46 16.69 3.32
C LEU B 49 18.37 17.54 4.22
N ILE B 50 19.51 17.98 3.69
CA ILE B 50 20.45 18.82 4.46
C ILE B 50 20.58 20.24 3.92
N SER B 51 20.04 20.49 2.71
CA SER B 51 20.07 21.82 2.09
C SER B 51 19.18 21.84 0.85
N SER B 52 18.83 23.05 0.39
CA SER B 52 17.95 23.26 -0.78
C SER B 52 18.16 22.48 -2.07
N CYS B 53 19.17 21.63 -2.12
CA CYS B 53 19.42 20.82 -3.31
C CYS B 53 20.35 19.66 -2.97
N TRP B 54 20.50 19.37 -1.69
CA TRP B 54 21.41 18.31 -1.31
C TRP B 54 20.84 17.34 -0.28
N ILE B 55 20.62 16.10 -0.70
CA ILE B 55 20.08 15.11 0.22
C ILE B 55 21.10 14.02 0.48
N LEU B 56 21.12 13.54 1.72
CA LEU B 56 22.00 12.45 2.12
C LEU B 56 21.22 11.15 1.94
N SER B 57 21.92 10.07 1.62
CA SER B 57 21.29 8.78 1.46
C SER B 57 22.34 7.69 1.59
N ALA B 58 21.90 6.43 1.70
CA ALA B 58 22.81 5.31 1.86
C ALA B 58 23.53 5.01 0.57
N ALA B 59 24.82 4.69 0.67
CA ALA B 59 25.62 4.40 -0.52
C ALA B 59 25.18 3.12 -1.19
N HIS B 60 24.97 2.08 -0.38
CA HIS B 60 24.56 0.78 -0.90
C HIS B 60 23.29 0.92 -1.71
N CYS B 61 22.60 2.03 -1.49
CA CYS B 61 21.37 2.31 -2.20
C CYS B 61 21.54 2.57 -3.68
N PHE B 62 22.77 2.80 -4.11
CA PHE B 62 23.01 3.07 -5.51
C PHE B 62 23.98 2.15 -6.26
N GLN B 63 24.42 1.04 -5.64
CA GLN B 63 25.36 0.12 -6.30
C GLN B 63 24.97 -0.12 -7.77
N GLU B 64 23.67 -0.22 -8.01
CA GLU B 64 23.14 -0.47 -9.35
C GLU B 64 23.72 0.39 -10.44
N ARG B 65 24.37 1.49 -10.06
CA ARG B 65 24.97 2.42 -11.01
C ARG B 65 23.87 3.13 -11.79
N PHE B 66 22.92 3.66 -11.03
CA PHE B 66 21.79 4.36 -11.59
C PHE B 66 22.17 5.60 -12.34
N PRO B 67 21.81 5.67 -13.63
CA PRO B 67 22.16 6.91 -14.31
C PRO B 67 21.16 7.97 -13.78
N PRO B 68 21.67 9.02 -13.14
CA PRO B 68 20.89 10.13 -12.56
C PRO B 68 19.55 10.43 -13.19
N HIS B 69 19.45 10.41 -14.52
CA HIS B 69 18.17 10.71 -15.13
C HIS B 69 17.10 9.63 -14.92
N HIS B 70 17.47 8.55 -14.25
CA HIS B 70 16.56 7.45 -13.93
C HIS B 70 16.14 7.67 -12.47
N LEU B 71 16.39 8.85 -11.92
CA LEU B 71 16.09 9.09 -10.52
C LEU B 71 15.16 10.27 -10.28
N THR B 72 14.55 10.33 -9.09
CA THR B 72 13.65 11.41 -8.73
C THR B 72 13.54 11.53 -7.22
N VAL B 73 13.74 12.73 -6.70
CA VAL B 73 13.66 12.98 -5.27
C VAL B 73 12.34 13.68 -4.96
N ILE B 74 11.55 13.06 -4.11
CA ILE B 74 10.25 13.62 -3.75
C ILE B 74 10.22 13.94 -2.26
N LEU B 75 9.95 15.20 -1.95
CA LEU B 75 9.91 15.69 -0.58
C LEU B 75 8.51 16.02 -0.15
N GLY B 76 8.35 16.22 1.16
CA GLY B 76 7.06 16.54 1.75
C GLY B 76 5.97 15.58 1.31
N ARG B 77 6.16 14.29 1.57
CA ARG B 77 5.16 13.29 1.18
C ARG B 77 4.95 12.27 2.28
N THR B 78 3.70 12.07 2.69
CA THR B 78 3.37 11.11 3.76
C THR B 78 3.07 9.72 3.25
N TYR B 79 2.53 9.66 2.04
CA TYR B 79 2.20 8.39 1.42
C TYR B 79 3.25 8.11 0.37
N ARG B 80 3.78 6.89 0.40
CA ARG B 80 4.81 6.52 -0.55
C ARG B 80 4.46 6.87 -2.01
N VAL B 81 3.27 6.48 -2.46
CA VAL B 81 2.88 6.74 -3.84
C VAL B 81 1.71 7.73 -4.07
N VAL B 82 0.87 7.93 -3.05
CA VAL B 82 -0.23 8.88 -3.17
C VAL B 82 0.41 10.25 -3.06
N PRO B 83 0.39 11.00 -4.16
CA PRO B 83 0.99 12.33 -4.14
C PRO B 83 0.42 13.21 -3.03
N GLY B 84 1.32 13.80 -2.24
CA GLY B 84 0.88 14.68 -1.19
C GLY B 84 0.64 16.00 -1.89
N GLU B 85 -0.15 16.88 -1.30
CA GLU B 85 -0.46 18.15 -1.93
C GLU B 85 0.69 19.16 -1.96
N GLU B 86 1.34 19.37 -0.83
CA GLU B 86 2.43 20.33 -0.75
C GLU B 86 3.79 19.72 -1.08
N GLU B 87 3.78 18.48 -1.58
CA GLU B 87 5.01 17.78 -1.90
C GLU B 87 5.83 18.62 -2.85
N GLN B 88 7.13 18.33 -2.90
CA GLN B 88 8.07 19.02 -3.78
C GLN B 88 8.89 17.98 -4.52
N LYS B 89 8.79 17.95 -5.85
CA LYS B 89 9.52 16.96 -6.64
C LYS B 89 10.74 17.59 -7.31
N PHE B 90 11.82 16.82 -7.42
CA PHE B 90 13.04 17.31 -8.05
C PHE B 90 13.77 16.18 -8.76
N GLU B 91 14.38 16.49 -9.89
CA GLU B 91 15.12 15.48 -10.61
C GLU B 91 16.55 15.52 -10.06
N VAL B 92 17.29 14.42 -10.17
CA VAL B 92 18.64 14.40 -9.68
C VAL B 92 19.57 14.97 -10.71
N GLU B 93 20.46 15.88 -10.29
CA GLU B 93 21.44 16.48 -11.21
C GLU B 93 22.58 15.48 -11.30
N LYS B 94 23.05 15.09 -10.12
CA LYS B 94 24.13 14.12 -10.03
C LYS B 94 24.06 13.58 -8.62
N TYR B 95 24.85 12.56 -8.35
CA TYR B 95 24.89 12.01 -7.02
C TYR B 95 26.27 11.42 -6.78
N ILE B 96 26.87 11.82 -5.66
CA ILE B 96 28.20 11.38 -5.28
C ILE B 96 28.12 10.24 -4.28
N VAL B 97 28.83 9.15 -4.56
CA VAL B 97 28.86 7.99 -3.67
C VAL B 97 30.27 7.89 -3.11
N HIS B 98 30.39 7.65 -1.81
CA HIS B 98 31.70 7.54 -1.16
C HIS B 98 32.58 6.53 -1.87
N LYS B 99 33.65 7.05 -2.47
CA LYS B 99 34.64 6.27 -3.23
C LYS B 99 35.20 5.03 -2.57
N GLU B 100 34.90 4.82 -1.29
CA GLU B 100 35.43 3.65 -0.60
C GLU B 100 34.38 2.75 0.02
N PHE B 101 33.12 3.02 -0.29
CA PHE B 101 32.03 2.21 0.24
C PHE B 101 32.36 0.73 0.05
N ASP B 102 32.67 0.06 1.15
CA ASP B 102 32.98 -1.37 1.10
C ASP B 102 31.72 -2.19 0.96
N ASP B 103 31.39 -2.48 -0.28
CA ASP B 103 30.23 -3.27 -0.64
C ASP B 103 30.15 -4.58 0.19
N ASP B 104 31.28 -5.03 0.73
CA ASP B 104 31.33 -6.25 1.54
C ASP B 104 31.18 -6.08 3.04
N THR B 105 30.87 -4.87 3.50
CA THR B 105 30.68 -4.62 4.93
C THR B 105 29.92 -3.37 5.23
N TYR B 106 29.48 -2.68 4.18
CA TYR B 106 28.72 -1.46 4.36
C TYR B 106 29.48 -0.43 5.19
N ASP B 107 30.79 -0.46 5.03
CA ASP B 107 31.67 0.49 5.69
C ASP B 107 31.79 1.60 4.62
N ASN B 108 31.49 2.83 5.02
CA ASN B 108 31.52 3.99 4.12
C ASN B 108 30.21 4.00 3.30
N ASP B 109 29.12 3.59 3.95
CA ASP B 109 27.79 3.54 3.34
C ASP B 109 27.08 4.90 3.29
N ILE B 110 27.75 5.93 2.78
CA ILE B 110 27.13 7.26 2.74
C ILE B 110 27.17 7.78 1.31
N ALA B 111 26.26 8.69 0.96
CA ALA B 111 26.23 9.24 -0.40
C ALA B 111 25.37 10.49 -0.46
N LEU B 112 25.74 11.40 -1.36
CA LEU B 112 25.07 12.68 -1.55
C LEU B 112 24.40 12.88 -2.90
N LEU B 113 23.15 13.35 -2.90
CA LEU B 113 22.48 13.61 -4.17
C LEU B 113 22.28 15.11 -4.30
N GLN B 114 22.43 15.65 -5.52
CA GLN B 114 22.25 17.08 -5.78
C GLN B 114 21.04 17.29 -6.67
N LEU B 115 20.06 18.01 -6.15
CA LEU B 115 18.81 18.30 -6.87
C LEU B 115 19.01 19.17 -8.12
N LYS B 116 18.35 18.77 -9.21
CA LYS B 116 18.42 19.49 -10.46
C LYS B 116 17.40 20.63 -10.46
N SER B 117 17.91 21.85 -10.49
CA SER B 117 17.10 23.04 -10.53
C SER B 117 17.95 24.08 -11.27
N ASP B 118 17.36 24.82 -12.20
CA ASP B 118 18.09 25.84 -12.93
C ASP B 118 18.43 27.00 -11.99
N SER B 119 17.74 27.04 -10.85
CA SER B 119 17.93 28.07 -9.81
C SER B 119 18.65 27.44 -8.61
N SER B 120 19.47 28.24 -7.93
CA SER B 120 20.23 27.80 -6.78
C SER B 120 19.38 27.25 -5.63
N ARG B 121 18.09 27.60 -5.62
CA ARG B 121 17.20 27.11 -4.59
C ARG B 121 16.26 26.08 -5.22
N CYS B 122 16.52 24.79 -5.00
CA CYS B 122 15.63 23.77 -5.56
C CYS B 122 14.44 23.67 -4.62
N ALA B 123 14.66 23.06 -3.45
CA ALA B 123 13.59 22.89 -2.48
C ALA B 123 13.34 24.16 -1.70
N GLN B 124 12.06 24.52 -1.58
CA GLN B 124 11.68 25.70 -0.83
C GLN B 124 11.23 25.23 0.55
N GLU B 125 11.91 25.67 1.61
CA GLU B 125 11.54 25.28 2.97
C GLU B 125 10.05 25.48 3.22
N SER B 126 9.47 24.58 4.00
CA SER B 126 8.05 24.64 4.32
C SER B 126 7.67 23.79 5.53
N SER B 127 6.36 23.72 5.71
CA SER B 127 5.72 22.96 6.76
C SER B 127 6.08 21.48 6.63
N VAL B 128 6.35 21.04 5.40
CA VAL B 128 6.68 19.64 5.16
C VAL B 128 8.02 19.43 4.44
N VAL B 129 8.85 20.45 4.46
CA VAL B 129 10.15 20.38 3.82
C VAL B 129 11.12 21.23 4.61
N ARG B 130 11.76 20.62 5.60
CA ARG B 130 12.73 21.30 6.43
C ARG B 130 14.01 20.47 6.43
N THR B 131 15.16 21.14 6.50
CA THR B 131 16.43 20.44 6.51
C THR B 131 16.76 20.03 7.92
N VAL B 132 17.50 18.94 8.08
CA VAL B 132 17.89 18.46 9.40
C VAL B 132 19.16 19.18 9.81
N CYS B 133 19.44 19.19 11.11
CA CYS B 133 20.64 19.81 11.64
C CYS B 133 21.74 18.74 11.61
N LEU B 134 22.91 19.08 11.05
CA LEU B 134 24.01 18.13 11.03
C LEU B 134 24.59 18.10 12.43
N PRO B 135 25.12 16.96 12.87
CA PRO B 135 25.66 16.93 14.22
C PRO B 135 26.93 17.76 14.30
N PRO B 136 27.16 18.39 15.47
CA PRO B 136 28.37 19.20 15.61
C PRO B 136 29.47 18.17 15.84
N ALA B 137 30.54 18.28 15.06
CA ALA B 137 31.67 17.35 15.12
C ALA B 137 31.95 16.82 16.51
N ASP B 138 31.80 17.68 17.49
CA ASP B 138 32.04 17.36 18.91
C ASP B 138 30.81 16.77 19.62
N LEU B 139 30.03 15.97 18.89
CA LEU B 139 28.79 15.38 19.42
C LEU B 139 28.89 13.96 19.99
N GLN B 140 28.73 13.83 21.30
CA GLN B 140 28.77 12.51 21.92
C GLN B 140 27.56 12.32 22.82
N LEU B 141 26.44 11.95 22.21
CA LEU B 141 25.21 11.72 22.93
C LEU B 141 25.47 10.56 23.90
N PRO B 142 24.88 10.60 25.09
CA PRO B 142 25.01 9.60 26.14
C PRO B 142 24.62 8.20 25.70
N ASP B 143 24.84 7.23 26.58
CA ASP B 143 24.44 5.86 26.30
C ASP B 143 22.91 5.88 26.23
N TRP B 144 22.37 4.84 25.62
CA TRP B 144 20.93 4.65 25.49
C TRP B 144 20.06 5.85 25.13
N THR B 145 20.64 6.86 24.51
CA THR B 145 19.86 8.05 24.17
C THR B 145 18.64 7.75 23.31
N GLU B 146 17.50 8.26 23.76
CA GLU B 146 16.19 8.10 23.10
C GLU B 146 16.13 8.88 21.78
N CYS B 147 16.28 8.16 20.67
CA CYS B 147 16.26 8.75 19.32
C CYS B 147 15.13 8.15 18.49
N GLU B 148 14.89 8.70 17.29
CA GLU B 148 13.83 8.21 16.42
C GLU B 148 14.16 8.29 14.93
N LEU B 149 13.76 7.26 14.22
CA LEU B 149 14.00 7.12 12.79
C LEU B 149 12.70 7.03 11.98
N SER B 150 12.80 7.21 10.67
CA SER B 150 11.63 7.15 9.82
C SER B 150 11.98 6.74 8.40
N GLY B 151 11.01 6.11 7.74
CA GLY B 151 11.19 5.65 6.37
C GLY B 151 9.95 5.11 5.67
N TYR B 152 10.16 4.24 4.69
CA TYR B 152 9.08 3.63 3.93
C TYR B 152 9.48 2.19 3.72
N GLY B 153 10.14 1.66 4.73
CA GLY B 153 10.64 0.31 4.63
C GLY B 153 9.65 -0.78 4.85
N LYS B 154 9.98 -1.97 4.35
CA LYS B 154 9.12 -3.12 4.51
C LYS B 154 8.72 -3.20 5.97
N HIS B 155 7.48 -3.56 6.25
CA HIS B 155 7.01 -3.68 7.64
C HIS B 155 7.80 -4.80 8.29
N GLU B 156 8.13 -5.79 7.48
CA GLU B 156 8.92 -6.92 7.93
C GLU B 156 9.83 -7.36 6.81
N ALA B 157 10.92 -8.00 7.20
CA ALA B 157 11.94 -8.46 6.27
C ALA B 157 11.49 -9.45 5.23
N LEU B 158 10.47 -10.25 5.54
CA LEU B 158 9.99 -11.24 4.58
C LEU B 158 8.85 -10.70 3.72
N SER B 159 8.48 -9.43 3.93
CA SER B 159 7.39 -8.81 3.19
C SER B 159 7.79 -8.37 1.81
N PRO B 160 6.99 -8.71 0.79
CA PRO B 160 7.32 -8.31 -0.57
C PRO B 160 6.87 -6.87 -0.85
N PHE B 161 6.49 -6.14 0.21
CA PHE B 161 5.99 -4.78 0.01
C PHE B 161 6.49 -3.68 0.92
N TYR B 162 6.58 -2.49 0.34
CA TYR B 162 7.01 -1.25 0.98
C TYR B 162 5.78 -0.57 1.56
N SER B 163 5.89 -0.06 2.77
CA SER B 163 4.77 0.60 3.46
C SER B 163 4.12 1.67 2.58
N GLU B 164 2.82 1.87 2.74
CA GLU B 164 2.23 2.93 1.93
C GLU B 164 2.19 4.24 2.66
N ARG B 165 2.52 4.21 3.94
CA ARG B 165 2.53 5.42 4.75
C ARG B 165 3.85 5.46 5.51
N LEU B 166 4.39 6.66 5.68
CA LEU B 166 5.66 6.88 6.37
C LEU B 166 5.64 6.32 7.79
N LYS B 167 6.57 5.43 8.08
CA LYS B 167 6.67 4.81 9.39
C LYS B 167 7.78 5.47 10.20
N GLU B 168 7.53 5.70 11.49
CA GLU B 168 8.53 6.29 12.37
C GLU B 168 8.68 5.33 13.55
N ALA B 169 9.90 5.10 13.96
CA ALA B 169 10.15 4.20 15.06
C ALA B 169 11.13 4.87 16.00
N HIS B 170 10.98 4.62 17.29
CA HIS B 170 11.86 5.23 18.28
C HIS B 170 12.78 4.16 18.83
N VAL B 171 14.08 4.45 18.84
CA VAL B 171 15.10 3.53 19.36
C VAL B 171 16.14 4.30 20.21
N ARG B 172 16.96 3.54 20.93
CA ARG B 172 17.99 4.08 21.81
C ARG B 172 19.39 3.73 21.30
N LEU B 173 20.26 4.73 21.21
CA LEU B 173 21.63 4.51 20.76
C LEU B 173 22.24 3.53 21.74
N TYR B 174 22.97 2.54 21.25
CA TYR B 174 23.60 1.54 22.12
C TYR B 174 25.00 1.93 22.57
N PRO B 175 25.49 1.29 23.63
CA PRO B 175 26.82 1.59 24.13
C PRO B 175 27.83 1.01 23.16
N SER B 176 28.90 1.75 22.93
CA SER B 176 29.97 1.34 22.04
C SER B 176 30.36 -0.11 22.37
N SER B 177 30.43 -0.40 23.66
CA SER B 177 30.80 -1.72 24.15
C SER B 177 29.96 -2.82 23.56
N ARG B 178 28.73 -2.49 23.15
CA ARG B 178 27.83 -3.48 22.58
C ARG B 178 27.62 -3.42 21.06
N CYS B 179 28.17 -2.39 20.41
CA CYS B 179 28.05 -2.26 18.95
C CYS B 179 29.28 -2.94 18.37
N THR B 180 29.32 -4.27 18.45
CA THR B 180 30.46 -5.02 17.93
C THR B 180 30.04 -6.32 17.27
N SER B 181 30.85 -6.77 16.31
CA SER B 181 30.63 -8.01 15.55
C SER B 181 30.18 -9.21 16.38
N GLN B 182 30.49 -9.19 17.67
CA GLN B 182 30.08 -10.28 18.54
C GLN B 182 28.55 -10.29 18.56
N HIS B 183 28.01 -9.13 18.86
CA HIS B 183 26.58 -8.94 18.95
C HIS B 183 25.91 -8.97 17.60
N LEU B 184 26.68 -8.97 16.51
CA LEU B 184 26.08 -8.98 15.17
C LEU B 184 26.54 -10.14 14.28
N LEU B 185 26.22 -11.37 14.65
CA LEU B 185 26.56 -12.51 13.83
C LEU B 185 27.96 -12.61 13.19
N ASN B 186 29.00 -12.28 13.95
CA ASN B 186 30.38 -12.38 13.45
C ASN B 186 30.66 -11.51 12.23
N ARG B 187 29.75 -10.60 11.89
CA ARG B 187 29.94 -9.72 10.71
C ARG B 187 31.03 -8.73 11.04
N THR B 188 31.02 -7.57 10.38
CA THR B 188 32.01 -6.56 10.68
C THR B 188 31.34 -5.24 11.04
N VAL B 189 31.96 -4.53 11.97
CA VAL B 189 31.47 -3.26 12.44
C VAL B 189 32.68 -2.34 12.47
N THR B 190 32.71 -1.38 11.56
CA THR B 190 33.81 -0.43 11.49
C THR B 190 33.50 0.82 12.35
N ASP B 191 34.51 1.62 12.69
CA ASP B 191 34.27 2.82 13.51
C ASP B 191 33.64 3.97 12.73
N ASN B 192 32.75 3.64 11.81
CA ASN B 192 32.02 4.63 11.02
C ASN B 192 30.57 4.20 11.15
N MET B 193 30.36 3.17 11.96
CA MET B 193 29.07 2.56 12.19
C MET B 193 28.72 2.74 13.65
N LEU B 194 27.42 2.84 13.96
CA LEU B 194 26.95 2.98 15.33
C LEU B 194 25.69 2.15 15.44
N CYS B 195 25.49 1.47 16.56
CA CYS B 195 24.28 0.65 16.75
C CYS B 195 23.21 1.42 17.50
N ALA B 196 21.95 1.11 17.21
CA ALA B 196 20.85 1.77 17.87
C ALA B 196 19.65 0.86 17.66
N GLY B 197 18.91 0.61 18.72
CA GLY B 197 17.76 -0.26 18.60
C GLY B 197 16.79 -0.20 19.75
N ASP B 198 15.84 -1.12 19.75
CA ASP B 198 14.86 -1.15 20.81
C ASP B 198 15.42 -2.05 21.91
N THR B 199 15.12 -1.70 23.15
CA THR B 199 15.60 -2.46 24.30
C THR B 199 14.53 -3.38 24.91
N ARG B 200 13.29 -3.22 24.43
CA ARG B 200 12.11 -3.97 24.88
C ARG B 200 12.19 -5.48 24.79
N SER B 201 11.17 -6.12 25.36
CA SER B 201 10.98 -7.57 25.38
C SER B 201 9.76 -7.83 26.30
N GLY B 202 9.74 -9.01 26.93
CA GLY B 202 8.65 -9.35 27.84
C GLY B 202 7.27 -9.62 27.30
N GLY B 203 6.52 -8.55 27.03
CA GLY B 203 5.15 -8.66 26.53
C GLY B 203 5.01 -9.74 25.47
N PRO B 204 3.87 -10.47 25.44
CA PRO B 204 3.58 -11.53 24.47
C PRO B 204 4.02 -11.20 23.06
N GLN B 205 5.33 -11.37 22.82
CA GLN B 205 5.95 -11.07 21.53
C GLN B 205 5.47 -9.76 20.91
N ALA B 206 5.59 -8.70 21.72
CA ALA B 206 5.20 -7.36 21.30
C ALA B 206 6.25 -6.88 20.30
N ASN B 207 5.78 -6.21 19.25
CA ASN B 207 6.65 -5.71 18.18
C ASN B 207 7.77 -4.77 18.63
N LEU B 208 8.89 -4.81 17.90
CA LEU B 208 10.05 -3.98 18.20
C LEU B 208 10.35 -3.02 17.06
N HIS B 209 10.67 -1.78 17.43
CA HIS B 209 11.00 -0.74 16.46
C HIS B 209 12.40 -0.91 15.88
N ASP B 210 12.53 -0.69 14.58
CA ASP B 210 13.80 -0.81 13.87
C ASP B 210 13.54 -0.52 12.39
N ALA B 211 14.56 -0.06 11.69
CA ALA B 211 14.40 0.19 10.27
C ALA B 211 14.51 -1.18 9.61
N CYS B 212 14.20 -1.22 8.32
CA CYS B 212 14.22 -2.48 7.58
C CYS B 212 14.36 -2.13 6.08
N GLN B 213 14.50 -3.15 5.24
CA GLN B 213 14.69 -2.96 3.80
C GLN B 213 13.75 -1.93 3.21
N GLY B 214 14.34 -0.86 2.70
CA GLY B 214 13.57 0.23 2.14
C GLY B 214 13.81 1.48 2.99
N ASP B 215 14.20 1.26 4.24
CA ASP B 215 14.46 2.35 5.16
C ASP B 215 15.85 2.92 5.03
N SER B 216 16.68 2.26 4.24
CA SER B 216 18.04 2.71 4.05
C SER B 216 18.08 4.11 3.48
N GLY B 217 19.17 4.82 3.78
CA GLY B 217 19.32 6.17 3.29
C GLY B 217 18.44 7.11 4.06
N GLY B 218 17.83 6.56 5.10
CA GLY B 218 16.96 7.35 5.94
C GLY B 218 17.67 7.89 7.15
N PRO B 219 17.04 8.80 7.89
CA PRO B 219 17.66 9.36 9.06
C PRO B 219 17.48 8.55 10.32
N LEU B 220 18.28 8.87 11.32
CA LEU B 220 18.18 8.31 12.65
C LEU B 220 18.48 9.61 13.33
N VAL B 221 17.47 10.27 13.88
CA VAL B 221 17.73 11.55 14.50
C VAL B 221 17.58 11.49 16.01
N CYS B 222 18.16 12.48 16.70
CA CYS B 222 18.06 12.59 18.16
C CYS B 222 17.86 14.08 18.49
N LEU B 223 17.36 14.36 19.69
CA LEU B 223 17.19 15.75 20.08
C LEU B 223 18.59 16.22 20.48
N ASN B 224 18.89 17.47 20.13
CA ASN B 224 20.17 18.05 20.45
C ASN B 224 20.01 19.54 20.64
N ASP B 225 20.10 19.96 21.90
CA ASP B 225 19.96 21.36 22.26
C ASP B 225 18.63 21.88 21.71
N GLY B 226 17.59 21.06 21.84
CA GLY B 226 16.28 21.45 21.36
C GLY B 226 16.02 21.25 19.88
N ARG B 227 17.05 20.92 19.11
CA ARG B 227 16.83 20.68 17.69
C ARG B 227 17.09 19.22 17.29
N MET B 228 16.33 18.74 16.32
CA MET B 228 16.49 17.39 15.84
C MET B 228 17.81 17.33 15.08
N THR B 229 18.67 16.42 15.49
CA THR B 229 19.95 16.33 14.81
C THR B 229 20.21 14.97 14.20
N LEU B 230 20.57 15.01 12.93
CA LEU B 230 20.91 13.81 12.21
C LEU B 230 22.12 13.25 12.96
N VAL B 231 22.04 12.00 13.40
CA VAL B 231 23.11 11.34 14.13
C VAL B 231 23.73 10.23 13.28
N GLY B 232 22.88 9.58 12.51
CA GLY B 232 23.33 8.51 11.66
C GLY B 232 22.42 8.25 10.48
N ILE B 233 22.92 7.47 9.54
CA ILE B 233 22.14 7.11 8.37
C ILE B 233 21.82 5.62 8.46
N ILE B 234 20.61 5.26 8.05
CA ILE B 234 20.14 3.89 8.09
C ILE B 234 20.90 3.04 7.06
N SER B 235 21.81 2.21 7.57
CA SER B 235 22.69 1.38 6.72
C SER B 235 22.39 -0.10 6.58
N TRP B 236 22.40 -0.85 7.68
CA TRP B 236 22.15 -2.28 7.57
C TRP B 236 21.81 -3.04 8.87
N GLY B 237 21.57 -4.34 8.78
CA GLY B 237 21.27 -5.08 9.99
C GLY B 237 20.57 -6.41 9.84
N LEU B 238 20.78 -7.29 10.81
CA LEU B 238 20.18 -8.62 10.80
C LEU B 238 18.67 -8.60 10.83
N GLY B 239 18.06 -9.11 9.77
CA GLY B 239 16.61 -9.17 9.66
C GLY B 239 15.96 -7.83 9.91
N CYS B 240 14.90 -7.84 10.70
CA CYS B 240 14.16 -6.62 11.04
C CYS B 240 13.43 -6.68 12.38
N GLY B 241 14.12 -6.25 13.44
CA GLY B 241 13.49 -6.23 14.76
C GLY B 241 13.72 -7.37 15.73
N GLN B 242 14.83 -8.11 15.59
CA GLN B 242 15.12 -9.21 16.50
C GLN B 242 15.58 -8.62 17.80
N LYS B 243 15.21 -9.25 18.90
CA LYS B 243 15.62 -8.77 20.22
C LYS B 243 17.11 -8.98 20.34
N ASP B 244 17.75 -8.23 21.23
CA ASP B 244 19.18 -8.40 21.42
C ASP B 244 20.06 -8.21 20.16
N VAL B 245 19.50 -7.60 19.12
CA VAL B 245 20.26 -7.37 17.91
C VAL B 245 19.91 -6.01 17.36
N PRO B 246 20.83 -5.04 17.52
CA PRO B 246 20.64 -3.67 17.05
C PRO B 246 20.78 -3.50 15.54
N GLY B 247 20.38 -2.34 15.06
CA GLY B 247 20.48 -2.04 13.64
C GLY B 247 21.77 -1.25 13.55
N VAL B 248 22.39 -1.21 12.39
CA VAL B 248 23.65 -0.49 12.24
C VAL B 248 23.47 0.78 11.46
N TYR B 249 23.95 1.89 12.02
CA TYR B 249 23.81 3.17 11.36
C TYR B 249 25.15 3.81 11.08
N THR B 250 25.11 4.73 10.12
CA THR B 250 26.28 5.48 9.66
C THR B 250 26.58 6.66 10.57
N LYS B 251 27.82 6.73 11.04
CA LYS B 251 28.25 7.84 11.88
C LYS B 251 28.27 9.13 11.05
N VAL B 252 27.15 9.85 11.02
CA VAL B 252 27.08 11.09 10.27
C VAL B 252 28.30 11.97 10.63
N THR B 253 28.48 12.18 11.93
CA THR B 253 29.57 12.96 12.47
C THR B 253 30.87 12.69 11.72
N ASN B 254 31.25 11.42 11.60
CA ASN B 254 32.48 11.03 10.91
C ASN B 254 32.56 11.54 9.48
N TYR B 255 31.41 11.63 8.81
CA TYR B 255 31.43 12.10 7.43
C TYR B 255 31.10 13.56 7.20
N LEU B 256 31.01 14.34 8.28
CA LEU B 256 30.69 15.77 8.21
C LEU B 256 31.50 16.49 7.15
N ASP B 257 32.82 16.38 7.23
CA ASP B 257 33.75 17.01 6.27
C ASP B 257 33.61 16.49 4.83
N TRP B 258 33.38 15.18 4.67
CA TRP B 258 33.18 14.60 3.34
C TRP B 258 31.94 15.30 2.76
N ILE B 259 30.94 15.49 3.62
CA ILE B 259 29.71 16.19 3.27
C ILE B 259 30.04 17.66 2.99
N ARG B 260 31.17 18.14 3.55
CA ARG B 260 31.63 19.52 3.34
C ARG B 260 32.22 19.69 1.92
N ASP B 261 33.18 18.84 1.57
CA ASP B 261 33.81 18.90 0.25
C ASP B 261 32.86 18.68 -0.91
N ASN B 262 32.20 17.53 -0.93
CA ASN B 262 31.31 17.14 -2.03
C ASN B 262 30.25 18.12 -2.52
N MET B 263 29.93 19.13 -1.73
CA MET B 263 28.94 20.12 -2.13
C MET B 263 29.57 21.32 -2.88
N ARG B 264 30.56 21.08 -3.73
CA ARG B 264 31.22 22.16 -4.46
C ARG B 264 30.36 22.86 -5.53
N PRO B 265 30.30 24.21 -5.48
CA PRO B 265 29.54 25.05 -6.41
C PRO B 265 30.23 25.21 -7.78
#